data_4PT4
#
_entry.id   4PT4
#
_cell.length_a   36.774
_cell.length_b   53.974
_cell.length_c   41.732
_cell.angle_alpha   90.000
_cell.angle_beta   97.010
_cell.angle_gamma   90.000
#
_symmetry.space_group_name_H-M   'P 1 21 1'
#
loop_
_entity.id
_entity.type
_entity.pdbx_description
1 polymer 'DNA-binding protein HU homolog'
2 non-polymer 'FORMIC ACID'
3 water water
#
_entity_poly.entity_id   1
_entity_poly.type   'polypeptide(L)'
_entity_poly.pdbx_seq_one_letter_code
;MNKAELIDVLTQKLGSDRRQATAAVENVVDTIVRAVHKGDSVTITGFGVFEQRRRAARVARNPRTGETVKVKPTSVPAFR
PGAQFKAVVSGAQRLPAEG
;
_entity_poly.pdbx_strand_id   A,B
#
# COMPACT_ATOMS: atom_id res chain seq x y z
N MET A 1 -11.69 -3.08 -8.20
CA MET A 1 -10.80 -2.57 -9.27
C MET A 1 -9.58 -3.46 -9.48
N ASN A 2 -9.48 -4.00 -10.68
CA ASN A 2 -8.31 -4.78 -11.05
C ASN A 2 -7.27 -3.83 -11.67
N LYS A 3 -6.06 -4.35 -11.78
CA LYS A 3 -4.91 -3.58 -12.23
C LYS A 3 -5.11 -2.96 -13.61
N ALA A 4 -5.79 -3.67 -14.52
CA ALA A 4 -5.99 -3.12 -15.85
C ALA A 4 -6.88 -1.88 -15.74
N GLU A 5 -7.89 -1.96 -14.90
CA GLU A 5 -8.82 -0.86 -14.72
C GLU A 5 -8.14 0.34 -14.05
N LEU A 6 -7.23 0.06 -13.12
CA LEU A 6 -6.40 1.07 -12.47
C LEU A 6 -5.65 1.81 -13.57
N ILE A 7 -5.12 1.06 -14.53
CA ILE A 7 -4.37 1.61 -15.63
C ILE A 7 -5.27 2.41 -16.57
N ASP A 8 -6.48 1.93 -16.81
CA ASP A 8 -7.40 2.69 -17.66
C ASP A 8 -7.69 4.02 -17.01
N VAL A 9 -7.96 4.00 -15.71
CA VAL A 9 -8.21 5.24 -14.94
C VAL A 9 -7.02 6.20 -15.02
N LEU A 10 -5.84 5.66 -14.76
CA LEU A 10 -4.64 6.48 -14.73
C LEU A 10 -4.33 7.09 -16.11
N THR A 11 -4.56 6.32 -17.16
CA THR A 11 -4.45 6.82 -18.52
C THR A 11 -5.25 8.13 -18.69
N GLN A 12 -6.53 8.14 -18.30
CA GLN A 12 -7.34 9.36 -18.51
C GLN A 12 -6.84 10.51 -17.62
N LYS A 13 -6.35 10.22 -16.42
CA LYS A 13 -5.88 11.28 -15.56
C LYS A 13 -4.61 11.90 -16.08
N LEU A 14 -3.69 11.05 -16.52
CA LEU A 14 -2.41 11.53 -17.01
C LEU A 14 -2.48 12.07 -18.42
N GLY A 15 -3.49 11.66 -19.18
CA GLY A 15 -3.58 11.99 -20.60
C GLY A 15 -2.44 11.37 -21.38
N SER A 16 -2.09 10.16 -20.99
CA SER A 16 -0.94 9.49 -21.57
C SER A 16 -1.55 8.49 -22.51
N ASP A 17 -0.71 7.70 -23.15
CA ASP A 17 -1.22 6.56 -23.83
C ASP A 17 -1.17 5.43 -22.81
N ARG A 18 -1.81 4.33 -23.14
CA ARG A 18 -2.00 3.28 -22.18
C ARG A 18 -0.66 2.64 -21.80
N ARG A 19 0.26 2.55 -22.76
CA ARG A 19 1.58 1.94 -22.48
C ARG A 19 2.33 2.69 -21.39
N GLN A 20 2.23 4.04 -21.42
CA GLN A 20 2.90 4.92 -20.47
C GLN A 20 2.31 4.74 -19.08
N ALA A 21 0.98 4.68 -19.01
CA ALA A 21 0.31 4.48 -17.74
C ALA A 21 0.68 3.10 -17.15
N THR A 22 0.80 2.10 -18.00
CA THR A 22 1.23 0.75 -17.60
C THR A 22 2.66 0.75 -17.05
N ALA A 23 3.56 1.42 -17.76
CA ALA A 23 4.92 1.62 -17.30
C ALA A 23 4.96 2.32 -15.94
N ALA A 24 4.11 3.32 -15.77
CA ALA A 24 4.12 4.08 -14.53
C ALA A 24 3.70 3.23 -13.33
N VAL A 25 2.63 2.46 -13.52
CA VAL A 25 2.14 1.59 -12.46
C VAL A 25 3.18 0.52 -12.13
N GLU A 26 3.65 -0.17 -13.15
CA GLU A 26 4.57 -1.24 -12.88
C GLU A 26 5.88 -0.79 -12.24
N ASN A 27 6.28 0.45 -12.52
CA ASN A 27 7.56 0.96 -12.08
C ASN A 27 7.45 1.70 -10.78
N VAL A 28 6.27 2.24 -10.48
CA VAL A 28 5.99 2.62 -9.10
C VAL A 28 6.08 1.40 -8.18
N VAL A 29 5.30 0.37 -8.50
CA VAL A 29 5.34 -0.90 -7.78
C VAL A 29 6.74 -1.45 -7.59
N ASP A 30 7.52 -1.44 -8.67
CA ASP A 30 8.83 -2.08 -8.64
C ASP A 30 9.84 -1.27 -7.81
N THR A 31 9.68 0.05 -7.83
CA THR A 31 10.56 0.92 -7.07
C THR A 31 10.29 0.69 -5.61
N ILE A 32 9.01 0.64 -5.26
CA ILE A 32 8.61 0.40 -3.89
C ILE A 32 9.17 -0.94 -3.41
N VAL A 33 8.92 -1.97 -4.20
CA VAL A 33 9.25 -3.32 -3.79
C VAL A 33 10.77 -3.48 -3.61
N ARG A 34 11.55 -2.90 -4.52
CA ARG A 34 13.01 -3.00 -4.43
C ARG A 34 13.55 -2.21 -3.23
N ALA A 35 12.92 -1.08 -2.88
CA ALA A 35 13.36 -0.30 -1.71
C ALA A 35 13.17 -1.08 -0.43
N VAL A 36 11.96 -1.63 -0.29
CA VAL A 36 11.58 -2.43 0.88
C VAL A 36 12.50 -3.64 0.94
N HIS A 37 12.71 -4.33 -0.15
CA HIS A 37 13.61 -5.47 -0.15
C HIS A 37 15.00 -5.15 0.36
N LYS A 38 15.50 -3.97 0.06
CA LYS A 38 16.75 -3.42 0.66
C LYS A 38 16.66 -3.05 2.16
N GLY A 39 15.46 -3.08 2.73
CA GLY A 39 15.29 -2.69 4.12
C GLY A 39 15.04 -1.20 4.25
N ASP A 40 14.74 -0.54 3.14
CA ASP A 40 14.36 0.87 3.24
C ASP A 40 12.83 0.96 3.38
N SER A 41 12.36 2.04 3.99
CA SER A 41 10.95 2.33 4.01
C SER A 41 10.64 3.30 2.90
N VAL A 42 9.40 3.27 2.41
CA VAL A 42 8.98 4.21 1.41
C VAL A 42 7.81 4.97 1.98
N THR A 43 7.98 6.28 2.20
CA THR A 43 6.88 7.16 2.60
C THR A 43 6.26 7.89 1.42
N ILE A 44 5.03 7.54 1.08
CA ILE A 44 4.30 8.30 0.09
C ILE A 44 3.38 9.16 0.91
N THR A 45 3.83 10.39 1.10
CA THR A 45 3.26 11.26 2.07
C THR A 45 1.79 11.41 1.82
N GLY A 46 0.99 11.11 2.84
CA GLY A 46 -0.46 11.25 2.77
C GLY A 46 -1.12 9.90 2.56
N PHE A 47 -0.47 9.03 1.79
CA PHE A 47 -1.01 7.72 1.40
C PHE A 47 -0.65 6.71 2.47
N GLY A 48 0.64 6.56 2.73
CA GLY A 48 1.13 5.60 3.72
C GLY A 48 2.61 5.28 3.56
N VAL A 49 3.09 4.40 4.42
CA VAL A 49 4.51 4.01 4.46
C VAL A 49 4.59 2.53 4.23
N PHE A 50 5.40 2.15 3.25
CA PHE A 50 5.69 0.76 2.98
C PHE A 50 6.98 0.49 3.70
N GLU A 51 7.06 -0.63 4.41
CA GLU A 51 8.33 -1.01 5.01
C GLU A 51 8.52 -2.51 5.08
N GLN A 52 9.73 -2.90 5.45
CA GLN A 52 10.08 -4.26 5.75
C GLN A 52 10.09 -4.44 7.26
N ARG A 53 9.55 -5.56 7.73
CA ARG A 53 9.58 -5.88 9.16
C ARG A 53 10.14 -7.27 9.34
N ARG A 54 10.74 -7.53 10.49
CA ARG A 54 11.33 -8.82 10.78
C ARG A 54 10.49 -9.46 11.87
N ARG A 55 9.65 -10.42 11.47
CA ARG A 55 8.82 -11.16 12.41
C ARG A 55 9.70 -12.09 13.17
N ALA A 56 9.60 -11.99 14.49
CA ALA A 56 10.37 -12.81 15.36
C ALA A 56 9.84 -14.21 15.29
N ALA A 57 10.59 -15.11 15.91
CA ALA A 57 10.22 -16.50 15.97
C ALA A 57 8.89 -16.53 16.69
N ARG A 58 7.97 -17.32 16.16
CA ARG A 58 6.60 -17.27 16.65
C ARG A 58 5.90 -18.60 16.38
N VAL A 59 4.62 -18.65 16.72
CA VAL A 59 3.88 -19.88 16.60
C VAL A 59 2.89 -19.77 15.47
N ALA A 60 2.71 -20.89 14.79
CA ALA A 60 1.62 -21.08 13.84
C ALA A 60 1.18 -22.54 13.88
N ARG A 61 0.03 -22.84 13.31
CA ARG A 61 -0.54 -24.20 13.35
C ARG A 61 -0.39 -24.84 11.99
N ASN A 62 0.18 -26.04 11.98
CA ASN A 62 0.49 -26.75 10.76
C ASN A 62 -0.79 -27.32 10.18
N PRO A 63 -1.25 -26.79 9.04
CA PRO A 63 -2.55 -27.23 8.51
C PRO A 63 -2.66 -28.74 8.32
N ARG A 64 -1.68 -29.34 7.64
CA ARG A 64 -1.75 -30.76 7.35
C ARG A 64 -1.81 -31.68 8.60
N THR A 65 -1.25 -31.24 9.73
CA THR A 65 -1.31 -32.06 10.98
C THR A 65 -2.10 -31.42 12.13
N GLY A 66 -2.47 -30.15 11.98
CA GLY A 66 -3.08 -29.41 13.08
C GLY A 66 -2.18 -29.09 14.28
N GLU A 67 -0.93 -29.58 14.30
CA GLU A 67 0.02 -29.28 15.38
C GLU A 67 0.45 -27.84 15.35
N THR A 68 0.62 -27.25 16.53
CA THR A 68 1.27 -25.95 16.62
C THR A 68 2.74 -26.14 16.40
N VAL A 69 3.32 -25.31 15.54
CA VAL A 69 4.75 -25.35 15.27
C VAL A 69 5.35 -23.95 15.44
N LYS A 70 6.60 -23.92 15.90
CA LYS A 70 7.34 -22.67 16.01
C LYS A 70 8.04 -22.42 14.71
N VAL A 71 7.60 -21.38 14.00
CA VAL A 71 8.21 -20.99 12.75
C VAL A 71 9.25 -19.90 12.94
N LYS A 72 10.17 -19.91 11.98
CA LYS A 72 11.36 -19.11 12.06
C LYS A 72 11.04 -17.65 11.74
N PRO A 73 11.91 -16.73 12.18
CA PRO A 73 11.72 -15.34 11.82
C PRO A 73 11.64 -15.16 10.30
N THR A 74 10.87 -14.18 9.86
CA THR A 74 10.60 -13.95 8.46
C THR A 74 10.56 -12.46 8.23
N SER A 75 11.17 -11.99 7.15
CA SER A 75 11.10 -10.58 6.81
C SER A 75 9.87 -10.44 5.96
N VAL A 76 9.05 -9.41 6.24
CA VAL A 76 7.74 -9.26 5.60
C VAL A 76 7.49 -7.82 5.21
N PRO A 77 6.75 -7.64 4.12
CA PRO A 77 6.39 -6.28 3.74
C PRO A 77 5.16 -5.85 4.51
N ALA A 78 5.02 -4.55 4.69
CA ALA A 78 3.87 -3.98 5.38
C ALA A 78 3.60 -2.60 4.89
N PHE A 79 2.35 -2.16 5.01
CA PHE A 79 1.97 -0.79 4.66
C PHE A 79 1.19 -0.23 5.83
N ARG A 80 1.64 0.90 6.37
CA ARG A 80 0.89 1.70 7.35
C ARG A 80 0.15 2.81 6.68
N PRO A 81 -1.19 2.77 6.67
CA PRO A 81 -1.92 3.88 6.03
C PRO A 81 -1.67 5.19 6.73
N GLY A 82 -1.36 6.22 5.97
CA GLY A 82 -1.10 7.55 6.52
C GLY A 82 -2.40 8.22 6.95
N ALA A 83 -2.25 9.30 7.68
CA ALA A 83 -3.35 10.02 8.31
C ALA A 83 -4.43 10.45 7.34
N GLN A 84 -4.03 10.95 6.18
CA GLN A 84 -5.00 11.41 5.20
C GLN A 84 -5.79 10.30 4.49
N PHE A 85 -5.15 9.16 4.24
CA PHE A 85 -5.86 8.00 3.75
C PHE A 85 -6.93 7.57 4.76
N LYS A 86 -6.53 7.43 6.03
CA LYS A 86 -7.47 7.09 7.10
C LYS A 86 -8.60 8.10 7.26
N ALA A 87 -8.26 9.38 7.15
CA ALA A 87 -9.19 10.46 7.46
C ALA A 87 -10.28 10.41 6.43
N VAL A 88 -9.88 10.24 5.18
CA VAL A 88 -10.81 10.13 4.07
C VAL A 88 -11.73 8.92 4.18
N VAL A 89 -11.17 7.73 4.36
CA VAL A 89 -11.98 6.51 4.47
C VAL A 89 -12.91 6.51 5.69
N SER A 90 -12.47 7.06 6.82
CA SER A 90 -13.31 7.12 8.02
C SER A 90 -14.41 8.17 7.95
N GLY A 91 -14.36 9.04 6.93
CA GLY A 91 -15.35 10.12 6.78
C GLY A 91 -15.00 11.45 7.46
N ALA A 92 -13.81 11.52 8.06
CA ALA A 92 -13.40 12.73 8.79
C ALA A 92 -12.84 13.81 7.87
N GLN A 93 -12.46 13.44 6.65
CA GLN A 93 -12.04 14.41 5.63
C GLN A 93 -12.62 14.04 4.28
N ARG A 94 -13.11 15.06 3.56
CA ARG A 94 -13.65 14.88 2.24
C ARG A 94 -12.51 14.69 1.25
N LEU A 95 -12.74 13.84 0.25
CA LEU A 95 -11.83 13.70 -0.89
C LEU A 95 -11.61 15.07 -1.56
N PRO A 96 -10.43 15.24 -2.20
CA PRO A 96 -10.16 16.46 -2.96
C PRO A 96 -11.32 16.83 -3.92
N ALA A 97 -11.69 18.10 -3.89
CA ALA A 97 -12.71 18.62 -4.80
C ALA A 97 -12.06 19.47 -5.90
N GLU A 98 -12.72 19.55 -7.04
CA GLU A 98 -12.22 20.39 -8.14
C GLU A 98 -11.95 21.80 -7.62
N GLY A 99 -10.77 22.33 -7.91
CA GLY A 99 -10.33 23.64 -7.41
C GLY A 99 -9.22 24.23 -8.26
N MET B 1 13.28 5.89 1.75
CA MET B 1 12.98 6.63 0.49
C MET B 1 11.81 7.56 0.75
N ASN B 2 11.96 8.85 0.48
CA ASN B 2 10.85 9.75 0.59
C ASN B 2 10.13 9.84 -0.75
N LYS B 3 9.00 10.53 -0.77
CA LYS B 3 8.16 10.61 -1.95
C LYS B 3 8.86 11.32 -3.12
N ALA B 4 9.66 12.34 -2.79
CA ALA B 4 10.37 13.09 -3.81
C ALA B 4 11.39 12.18 -4.48
N GLU B 5 11.97 11.29 -3.69
CA GLU B 5 12.98 10.37 -4.17
C GLU B 5 12.35 9.28 -5.01
N LEU B 6 11.18 8.82 -4.57
CA LEU B 6 10.39 7.93 -5.43
C LEU B 6 10.10 8.59 -6.80
N ILE B 7 9.66 9.84 -6.78
CA ILE B 7 9.45 10.61 -8.01
C ILE B 7 10.71 10.76 -8.87
N ASP B 8 11.84 11.08 -8.27
CA ASP B 8 13.09 11.13 -9.02
C ASP B 8 13.39 9.84 -9.73
N VAL B 9 13.28 8.73 -9.02
CA VAL B 9 13.55 7.39 -9.59
C VAL B 9 12.54 7.09 -10.71
N LEU B 10 11.28 7.41 -10.48
CA LEU B 10 10.32 7.15 -11.53
C LEU B 10 10.54 7.99 -12.78
N THR B 11 10.83 9.29 -12.60
CA THR B 11 11.18 10.17 -13.69
C THR B 11 12.24 9.46 -14.52
N GLN B 12 13.28 8.95 -13.86
CA GLN B 12 14.34 8.30 -14.60
C GLN B 12 13.86 7.03 -15.33
N LYS B 13 13.02 6.20 -14.71
CA LYS B 13 12.59 4.97 -15.35
C LYS B 13 11.65 5.21 -16.51
N LEU B 14 10.77 6.17 -16.36
CA LEU B 14 9.82 6.47 -17.41
C LEU B 14 10.38 7.32 -18.52
N GLY B 15 11.49 8.01 -18.27
CA GLY B 15 12.02 8.97 -19.24
C GLY B 15 11.06 10.15 -19.46
N SER B 16 10.48 10.62 -18.35
CA SER B 16 9.45 11.67 -18.42
C SER B 16 10.02 12.96 -17.84
N ASP B 17 9.22 14.02 -17.85
CA ASP B 17 9.56 15.16 -17.00
C ASP B 17 9.20 14.76 -15.56
N ARG B 18 9.80 15.45 -14.59
CA ARG B 18 9.51 15.21 -13.22
C ARG B 18 8.06 15.50 -12.90
N ARG B 19 7.50 16.53 -13.53
CA ARG B 19 6.11 16.91 -13.32
C ARG B 19 5.18 15.73 -13.67
N GLN B 20 5.53 14.98 -14.71
CA GLN B 20 4.71 13.84 -15.14
C GLN B 20 4.81 12.70 -14.14
N ALA B 21 6.01 12.45 -13.64
CA ALA B 21 6.22 11.36 -12.69
C ALA B 21 5.49 11.72 -11.40
N THR B 22 5.41 12.99 -11.10
CA THR B 22 4.73 13.49 -9.92
C THR B 22 3.24 13.26 -10.11
N ALA B 23 2.75 13.53 -11.31
CA ALA B 23 1.36 13.29 -11.61
C ALA B 23 1.06 11.80 -11.50
N ALA B 24 1.98 10.99 -11.99
CA ALA B 24 1.81 9.54 -11.94
C ALA B 24 1.63 9.05 -10.52
N VAL B 25 2.54 9.46 -9.63
CA VAL B 25 2.49 9.02 -8.26
C VAL B 25 1.20 9.52 -7.60
N GLU B 26 0.90 10.78 -7.79
CA GLU B 26 -0.23 11.35 -7.07
C GLU B 26 -1.56 10.82 -7.56
N ASN B 27 -1.62 10.45 -8.83
CA ASN B 27 -2.85 9.95 -9.41
C ASN B 27 -2.99 8.46 -9.27
N VAL B 28 -1.87 7.75 -9.13
CA VAL B 28 -1.99 6.40 -8.70
C VAL B 28 -2.59 6.40 -7.31
N VAL B 29 -2.04 7.23 -6.44
CA VAL B 29 -2.51 7.33 -5.06
C VAL B 29 -4.02 7.65 -5.01
N ASP B 30 -4.40 8.68 -5.74
CA ASP B 30 -5.79 9.18 -5.71
C ASP B 30 -6.75 8.10 -6.24
N THR B 31 -6.31 7.32 -7.22
CA THR B 31 -7.18 6.30 -7.81
C THR B 31 -7.43 5.20 -6.77
N ILE B 32 -6.36 4.77 -6.11
CA ILE B 32 -6.43 3.80 -5.05
C ILE B 32 -7.29 4.26 -3.85
N VAL B 33 -7.00 5.43 -3.34
CA VAL B 33 -7.70 5.96 -2.18
C VAL B 33 -9.22 6.03 -2.48
N ARG B 34 -9.57 6.57 -3.63
CA ARG B 34 -10.95 6.80 -3.99
C ARG B 34 -11.70 5.48 -4.15
N ALA B 35 -11.03 4.44 -4.67
CA ALA B 35 -11.68 3.15 -4.84
C ALA B 35 -11.92 2.54 -3.47
N VAL B 36 -10.92 2.60 -2.62
CA VAL B 36 -11.08 2.09 -1.28
C VAL B 36 -12.18 2.91 -0.58
N HIS B 37 -12.21 4.19 -0.85
CA HIS B 37 -13.18 5.05 -0.21
C HIS B 37 -14.57 4.63 -0.49
N LYS B 38 -14.86 4.29 -1.73
CA LYS B 38 -16.22 3.80 -2.09
C LYS B 38 -16.44 2.32 -1.73
N GLY B 39 -15.47 1.71 -1.06
CA GLY B 39 -15.62 0.38 -0.52
C GLY B 39 -15.13 -0.71 -1.45
N ASP B 40 -14.65 -0.32 -2.62
CA ASP B 40 -14.11 -1.27 -3.55
C ASP B 40 -12.65 -1.54 -3.16
N SER B 41 -12.10 -2.66 -3.63
CA SER B 41 -10.73 -3.04 -3.39
C SER B 41 -9.93 -2.85 -4.68
N VAL B 42 -8.64 -2.64 -4.52
CA VAL B 42 -7.77 -2.48 -5.64
C VAL B 42 -6.71 -3.56 -5.57
N THR B 43 -6.74 -4.47 -6.54
CA THR B 43 -5.74 -5.53 -6.60
C THR B 43 -4.67 -5.16 -7.62
N ILE B 44 -3.47 -4.94 -7.13
CA ILE B 44 -2.34 -4.75 -8.01
C ILE B 44 -1.54 -6.03 -7.95
N THR B 45 -1.81 -6.89 -8.91
CA THR B 45 -1.37 -8.26 -8.87
C THR B 45 0.13 -8.34 -8.79
N GLY B 46 0.62 -9.12 -7.83
CA GLY B 46 2.03 -9.25 -7.51
C GLY B 46 2.31 -8.43 -6.29
N PHE B 47 1.88 -7.17 -6.32
CA PHE B 47 2.17 -6.17 -5.28
C PHE B 47 1.33 -6.40 -4.03
N GLY B 48 0.00 -6.34 -4.18
CA GLY B 48 -0.90 -6.57 -3.06
C GLY B 48 -2.29 -6.01 -3.36
N VAL B 49 -3.09 -5.93 -2.30
CA VAL B 49 -4.49 -5.56 -2.41
C VAL B 49 -4.74 -4.49 -1.36
N PHE B 50 -5.27 -3.37 -1.80
CA PHE B 50 -5.71 -2.31 -0.91
C PHE B 50 -7.20 -2.52 -0.72
N GLU B 51 -7.65 -2.47 0.52
CA GLU B 51 -9.03 -2.65 0.81
C GLU B 51 -9.47 -1.76 1.95
N GLN B 52 -10.78 -1.64 2.05
CA GLN B 52 -11.43 -0.98 3.16
C GLN B 52 -11.95 -2.05 4.11
N ARG B 53 -11.82 -1.83 5.41
CA ARG B 53 -12.43 -2.72 6.39
C ARG B 53 -13.18 -1.94 7.42
N ARG B 54 -14.10 -2.58 8.11
CA ARG B 54 -14.88 -1.94 9.15
C ARG B 54 -14.37 -2.47 10.47
N ARG B 55 -13.75 -1.62 11.27
CA ARG B 55 -13.45 -1.96 12.66
C ARG B 55 -14.70 -1.69 13.51
N ALA B 56 -15.21 -2.73 14.15
CA ALA B 56 -16.40 -2.59 14.93
C ALA B 56 -16.12 -3.02 16.35
N ALA B 57 -16.58 -2.22 17.31
CA ALA B 57 -16.66 -2.64 18.70
C ALA B 57 -15.32 -2.84 19.36
N ARG B 58 -14.39 -1.96 19.07
CA ARG B 58 -13.04 -2.14 19.59
C ARG B 58 -12.95 -1.43 20.94
N VAL B 59 -12.28 -2.04 21.90
CA VAL B 59 -11.95 -1.30 23.11
C VAL B 59 -10.63 -0.57 23.00
N ALA B 60 -10.49 0.44 23.85
CA ALA B 60 -9.21 1.13 24.03
C ALA B 60 -9.25 1.88 25.35
N ARG B 61 -8.08 2.01 25.95
CA ARG B 61 -7.90 2.89 27.10
C ARG B 61 -7.52 4.28 26.65
N ASN B 62 -8.37 5.25 26.96
CA ASN B 62 -8.07 6.66 26.74
C ASN B 62 -6.82 7.01 27.55
N PRO B 63 -5.66 7.16 26.89
CA PRO B 63 -4.47 7.30 27.74
C PRO B 63 -4.45 8.65 28.47
N ARG B 64 -5.25 9.60 27.99
CA ARG B 64 -5.52 10.80 28.75
C ARG B 64 -6.07 10.41 30.13
N THR B 65 -7.25 9.78 30.15
CA THR B 65 -7.97 9.46 31.40
C THR B 65 -7.66 8.10 32.02
N GLY B 66 -7.03 7.22 31.27
CA GLY B 66 -6.84 5.84 31.72
C GLY B 66 -8.04 4.91 31.62
N GLU B 67 -9.24 5.45 31.42
CA GLU B 67 -10.42 4.59 31.41
C GLU B 67 -10.61 3.84 30.08
N THR B 68 -10.98 2.56 30.17
CA THR B 68 -11.31 1.79 28.99
C THR B 68 -12.64 2.27 28.41
N VAL B 69 -12.61 2.59 27.12
CA VAL B 69 -13.82 2.90 26.36
C VAL B 69 -13.95 1.95 25.18
N LYS B 70 -15.20 1.73 24.80
CA LYS B 70 -15.53 1.20 23.51
C LYS B 70 -15.41 2.37 22.54
N VAL B 71 -14.64 2.14 21.48
CA VAL B 71 -14.44 3.07 20.38
C VAL B 71 -15.56 2.89 19.35
N LYS B 72 -16.19 3.95 18.88
CA LYS B 72 -17.25 3.74 17.91
C LYS B 72 -16.67 3.16 16.62
N PRO B 73 -17.47 2.35 15.92
CA PRO B 73 -17.00 1.74 14.68
C PRO B 73 -16.45 2.73 13.64
N THR B 74 -15.48 2.28 12.85
CA THR B 74 -14.86 3.10 11.84
C THR B 74 -14.50 2.24 10.65
N SER B 75 -14.52 2.82 9.47
CA SER B 75 -14.06 2.13 8.29
C SER B 75 -12.59 2.48 8.12
N VAL B 76 -11.75 1.49 7.84
CA VAL B 76 -10.30 1.73 7.71
C VAL B 76 -9.68 1.15 6.42
N PRO B 77 -8.67 1.83 5.89
CA PRO B 77 -7.95 1.29 4.75
C PRO B 77 -6.98 0.23 5.20
N ALA B 78 -6.68 -0.70 4.31
CA ALA B 78 -5.70 -1.73 4.61
C ALA B 78 -5.03 -2.23 3.34
N PHE B 79 -3.83 -2.77 3.48
CA PHE B 79 -3.10 -3.35 2.36
C PHE B 79 -2.62 -4.71 2.76
N ARG B 80 -2.97 -5.71 1.94
CA ARG B 80 -2.50 -7.08 2.08
C ARG B 80 -1.43 -7.30 1.05
N PRO B 81 -0.19 -7.47 1.50
CA PRO B 81 0.94 -7.75 0.63
C PRO B 81 0.72 -8.98 -0.20
N GLY B 82 1.08 -8.89 -1.47
CA GLY B 82 0.87 -9.97 -2.41
C GLY B 82 1.92 -11.04 -2.27
N ALA B 83 1.54 -12.22 -2.74
CA ALA B 83 2.36 -13.41 -2.74
C ALA B 83 3.75 -13.14 -3.26
N GLN B 84 3.85 -12.44 -4.40
CA GLN B 84 5.18 -12.19 -4.94
C GLN B 84 6.02 -11.13 -4.19
N PHE B 85 5.36 -10.09 -3.66
CA PHE B 85 6.01 -9.11 -2.83
C PHE B 85 6.58 -9.81 -1.56
N LYS B 86 5.81 -10.73 -0.98
CA LYS B 86 6.29 -11.44 0.18
C LYS B 86 7.46 -12.35 -0.19
N ALA B 87 7.39 -12.97 -1.37
CA ALA B 87 8.41 -13.95 -1.76
C ALA B 87 9.76 -13.27 -1.98
N VAL B 88 9.75 -12.05 -2.52
CA VAL B 88 10.99 -11.28 -2.66
C VAL B 88 11.53 -10.86 -1.32
N VAL B 89 10.67 -10.27 -0.49
CA VAL B 89 11.11 -9.74 0.81
C VAL B 89 11.60 -10.85 1.74
N SER B 90 10.92 -12.01 1.71
CA SER B 90 11.32 -13.19 2.51
C SER B 90 12.62 -13.86 2.00
N GLY B 91 12.98 -13.57 0.76
CA GLY B 91 14.10 -14.23 0.11
C GLY B 91 13.69 -15.49 -0.63
N ALA B 92 12.40 -15.81 -0.70
CA ALA B 92 11.95 -17.03 -1.40
C ALA B 92 12.18 -16.98 -2.91
N GLN B 93 11.84 -15.83 -3.51
CA GLN B 93 12.05 -15.56 -4.93
C GLN B 93 13.00 -14.39 -5.06
N ARG B 94 13.79 -14.43 -6.13
CA ARG B 94 14.73 -13.38 -6.46
C ARG B 94 14.00 -12.35 -7.36
N LEU B 95 14.37 -11.09 -7.24
CA LEU B 95 13.83 -10.04 -8.12
C LEU B 95 14.32 -10.27 -9.54
N PRO B 96 13.53 -9.83 -10.55
CA PRO B 96 14.03 -9.93 -11.94
C PRO B 96 15.32 -9.14 -12.13
N ALA B 97 16.24 -9.69 -12.93
CA ALA B 97 17.58 -9.12 -13.13
C ALA B 97 17.78 -8.67 -14.58
#